data_4CLY
#
_entry.id   4CLY
#
_cell.length_a   100.170
_cell.length_b   100.170
_cell.length_c   97.490
_cell.angle_alpha   90.00
_cell.angle_beta   90.00
_cell.angle_gamma   120.00
#
_symmetry.space_group_name_H-M   'P 63'
#
loop_
_entity.id
_entity.type
_entity.pdbx_description
1 polymer 'ADENYLATE CYCLASE TYPE 10'
2 non-polymer 'BISELENITE ION'
3 non-polymer 1,2-ETHANEDIOL
4 non-polymer DI(HYDROXYETHYL)ETHER
5 non-polymer GLYCEROL
6 water water
#
_entity_poly.entity_id   1
_entity_poly.type   'polypeptide(L)'
_entity_poly.pdbx_seq_one_letter_code
;MNTPKEEFQDWPIVRIAAHLPDLIVYGHFSPERPFMDYFDGVLMFVDISGFTAMTEKFSSAMYMDRGAEQLVEILNYHIS
AIVEKVLIFGGDILKFAGDALLALWRVERKQLKNIITVVIKCSLEIHGLFETQEWEEGLDIRVKIGLAAGHISMLVFGDE
THSHFLVIGQAVDDVRLAQNMAQMNDVILSPNCWQLCDRSMIEIESVPDQRAVKVNFLKPPPNFNFDEFFTKCTTFMHYY
PSGEHKNLLRLA(CME)TLKPDPELEMSLQKYVMESILKQIDNKQLQGYLSELRPVTIVFVNLMFEDQDKAEEIGPAIQD
AYMHITSVLKIFQGQINKVFMFDKGCSFLCVFGFPGEKVPDELTHALECAMDIFDFCSQVHKIQTVSIGVASGIVFCGIV
GHTVRHEYTVIGQKVNLAARMMMYYPGIVTCDSVTYNGSNLPAYFFKELPKKVMKGVADSGPLYQYWGRTEKVHHHHHH
;
_entity_poly.pdbx_strand_id   A
#
# COMPACT_ATOMS: atom_id res chain seq x y z
N MET A 1 28.53 -28.64 -31.49
CA MET A 1 27.37 -27.61 -31.56
C MET A 1 27.29 -26.86 -30.24
N ASN A 2 27.50 -25.54 -30.25
CA ASN A 2 27.52 -24.77 -29.00
C ASN A 2 26.18 -24.75 -28.28
N THR A 3 26.22 -24.59 -26.97
CA THR A 3 24.99 -24.41 -26.21
C THR A 3 25.17 -23.10 -25.41
N PRO A 4 24.92 -21.97 -26.03
CA PRO A 4 25.24 -20.71 -25.33
C PRO A 4 24.31 -20.41 -24.15
N LYS A 5 24.76 -19.55 -23.23
CA LYS A 5 24.05 -19.24 -21.96
C LYS A 5 22.75 -18.51 -22.23
N GLU A 6 21.64 -19.02 -21.74
CA GLU A 6 20.35 -18.31 -21.89
C GLU A 6 20.43 -17.02 -21.08
N GLU A 7 20.27 -15.89 -21.75
CA GLU A 7 20.36 -14.62 -21.03
C GLU A 7 19.04 -13.90 -20.83
N PHE A 8 18.17 -13.85 -21.85
CA PHE A 8 17.15 -12.76 -21.86
C PHE A 8 15.97 -13.04 -20.99
N GLN A 9 15.91 -12.25 -19.94
CA GLN A 9 14.69 -12.15 -19.19
C GLN A 9 14.35 -10.70 -18.94
N ASP A 10 14.67 -9.73 -19.81
CA ASP A 10 14.32 -8.30 -19.38
C ASP A 10 13.21 -7.66 -20.24
N TRP A 11 12.28 -8.50 -20.62
CA TRP A 11 11.12 -8.07 -21.40
C TRP A 11 10.22 -7.09 -20.65
N PRO A 12 9.48 -6.24 -21.38
CA PRO A 12 8.55 -5.43 -20.79
C PRO A 12 7.59 -6.15 -19.88
N ILE A 13 7.11 -7.33 -20.22
CA ILE A 13 6.15 -8.00 -19.36
C ILE A 13 6.78 -8.32 -17.98
N VAL A 14 8.04 -8.69 -17.98
CA VAL A 14 8.78 -8.91 -16.71
C VAL A 14 8.93 -7.62 -15.88
N ARG A 15 9.22 -6.54 -16.55
CA ARG A 15 9.31 -5.26 -15.85
C ARG A 15 7.99 -4.82 -15.30
N ILE A 16 6.89 -5.04 -16.03
CA ILE A 16 5.60 -4.77 -15.52
C ILE A 16 5.33 -5.64 -14.29
N ALA A 17 5.64 -6.94 -14.34
CA ALA A 17 5.29 -7.82 -13.22
C ALA A 17 6.06 -7.50 -11.93
N ALA A 18 7.19 -6.79 -12.01
CA ALA A 18 7.81 -6.27 -10.79
C ALA A 18 6.89 -5.42 -9.95
N HIS A 19 5.99 -4.69 -10.59
CA HIS A 19 5.06 -3.84 -9.94
C HIS A 19 3.83 -4.51 -9.31
N LEU A 20 3.72 -5.83 -9.45
CA LEU A 20 2.52 -6.51 -9.02
C LEU A 20 2.85 -7.76 -8.20
N PRO A 21 1.94 -8.17 -7.33
CA PRO A 21 2.12 -9.41 -6.62
C PRO A 21 1.73 -10.61 -7.48
N ASP A 22 2.14 -11.79 -7.06
CA ASP A 22 1.77 -13.04 -7.68
C ASP A 22 0.24 -13.29 -7.73
N LEU A 23 -0.46 -12.81 -6.72
CA LEU A 23 -1.89 -12.81 -6.60
C LEU A 23 -2.50 -12.25 -7.88
N ILE A 24 -1.87 -11.23 -8.46
CA ILE A 24 -2.38 -10.62 -9.66
C ILE A 24 -1.67 -11.21 -10.87
N VAL A 25 -0.34 -11.35 -10.84
CA VAL A 25 0.42 -11.86 -11.98
C VAL A 25 -0.07 -13.23 -12.47
N TYR A 26 -0.35 -14.13 -11.52
CA TYR A 26 -0.74 -15.46 -11.86
C TYR A 26 -2.19 -15.64 -11.59
N GLY A 27 -2.94 -14.57 -11.40
CA GLY A 27 -4.32 -14.74 -11.01
C GLY A 27 -5.29 -15.18 -12.10
N HIS A 28 -5.02 -14.85 -13.35
CA HIS A 28 -5.96 -15.30 -14.43
C HIS A 28 -7.50 -15.18 -14.14
N PHE A 29 -8.00 -14.07 -13.64
CA PHE A 29 -9.47 -13.97 -13.43
C PHE A 29 -10.11 -13.07 -14.45
N SER A 30 -11.41 -13.21 -14.52
CA SER A 30 -12.23 -12.45 -15.44
C SER A 30 -11.93 -10.93 -15.47
N PRO A 31 -12.20 -10.27 -16.62
CA PRO A 31 -12.01 -8.84 -16.68
C PRO A 31 -13.27 -8.05 -16.20
N GLU A 32 -14.36 -8.72 -15.85
CA GLU A 32 -15.50 -8.10 -15.23
C GLU A 32 -15.23 -7.43 -13.85
N ARG A 33 -15.98 -6.37 -13.58
CA ARG A 33 -15.66 -5.46 -12.48
C ARG A 33 -16.98 -5.07 -11.78
N PRO A 34 -17.07 -5.24 -10.46
CA PRO A 34 -16.00 -5.69 -9.57
C PRO A 34 -15.78 -7.21 -9.75
N PHE A 35 -14.60 -7.73 -9.44
CA PHE A 35 -14.40 -9.16 -9.34
C PHE A 35 -14.00 -9.43 -7.90
N MET A 36 -14.56 -10.48 -7.33
CA MET A 36 -14.26 -10.84 -5.95
C MET A 36 -13.80 -12.26 -5.90
N ASP A 37 -12.85 -12.55 -5.03
CA ASP A 37 -12.46 -13.93 -4.80
C ASP A 37 -12.14 -14.10 -3.33
N TYR A 38 -12.13 -15.35 -2.85
CA TYR A 38 -12.10 -15.64 -1.42
C TYR A 38 -11.07 -16.72 -1.18
N PHE A 39 -10.26 -16.58 -0.13
CA PHE A 39 -9.28 -17.58 0.20
C PHE A 39 -8.85 -17.44 1.64
N ASP A 40 -7.87 -18.22 2.07
CA ASP A 40 -7.30 -18.09 3.40
C ASP A 40 -5.83 -17.87 3.31
N GLY A 41 -5.26 -17.27 4.37
CA GLY A 41 -3.86 -16.98 4.34
C GLY A 41 -3.37 -16.38 5.59
N VAL A 42 -2.07 -16.15 5.64
CA VAL A 42 -1.45 -15.37 6.69
C VAL A 42 -0.97 -14.02 6.13
N LEU A 43 -1.25 -12.97 6.84
CA LEU A 43 -0.81 -11.64 6.44
C LEU A 43 0.29 -11.14 7.36
N MET A 44 1.22 -10.38 6.78
CA MET A 44 2.27 -9.69 7.51
C MET A 44 2.27 -8.23 7.15
N PHE A 45 2.23 -7.38 8.16
CA PHE A 45 2.16 -5.92 7.95
C PHE A 45 3.37 -5.38 8.61
N VAL A 46 4.28 -4.85 7.82
CA VAL A 46 5.58 -4.39 8.29
C VAL A 46 5.52 -2.87 8.25
N ASP A 47 5.55 -2.25 9.42
CA ASP A 47 5.48 -0.78 9.52
C ASP A 47 6.89 -0.21 9.40
N ILE A 48 7.04 0.54 8.36
CA ILE A 48 8.30 1.17 7.96
C ILE A 48 8.18 2.67 8.10
N SER A 49 7.32 3.15 8.99
CA SER A 49 7.19 4.59 9.18
C SER A 49 8.48 5.17 9.71
N GLY A 50 9.24 4.40 10.51
CA GLY A 50 10.56 4.86 10.99
C GLY A 50 11.53 5.19 9.87
N PHE A 51 11.42 4.48 8.74
CA PHE A 51 12.20 4.76 7.50
C PHE A 51 11.67 5.92 6.65
N THR A 52 10.37 5.93 6.48
CA THR A 52 9.76 6.89 5.63
C THR A 52 9.66 8.27 6.33
N ALA A 53 9.82 8.32 7.64
CA ALA A 53 9.79 9.60 8.39
C ALA A 53 11.03 10.50 8.14
N MET A 54 11.94 10.04 7.26
CA MET A 54 13.18 10.80 6.91
C MET A 54 13.04 11.73 5.70
N THR A 55 11.91 11.63 5.01
CA THR A 55 11.64 12.55 3.92
C THR A 55 11.87 13.99 4.28
N GLU A 56 11.49 14.46 5.46
CA GLU A 56 11.50 15.92 5.62
C GLU A 56 12.97 16.42 5.69
N LYS A 57 13.83 15.65 6.33
CA LYS A 57 15.23 16.06 6.38
C LYS A 57 16.03 15.93 5.07
N PHE A 58 15.53 15.17 4.09
CA PHE A 58 16.19 15.08 2.80
C PHE A 58 15.77 16.28 1.99
N SER A 59 14.78 17.07 2.45
CA SER A 59 14.55 18.42 1.83
C SER A 59 15.55 19.48 2.32
N SER A 60 16.27 19.20 3.39
CA SER A 60 17.36 20.10 3.83
C SER A 60 18.36 20.44 2.71
N ALA A 61 18.81 21.67 2.78
CA ALA A 61 19.82 22.16 1.89
C ALA A 61 21.14 21.37 2.04
N MET A 62 21.28 20.57 3.10
CA MET A 62 22.52 19.82 3.25
CA MET A 62 22.46 19.75 3.30
C MET A 62 22.67 18.78 2.13
N TYR A 63 21.56 18.38 1.53
CA TYR A 63 21.55 17.38 0.43
C TYR A 63 21.73 17.92 -0.98
N MET A 64 21.91 19.24 -1.06
CA MET A 64 22.40 19.93 -2.24
C MET A 64 21.60 19.56 -3.50
N ASP A 65 20.30 19.66 -3.43
CA ASP A 65 19.50 19.33 -4.62
C ASP A 65 19.53 17.83 -5.04
N ARG A 66 20.16 16.93 -4.25
CA ARG A 66 20.02 15.51 -4.54
C ARG A 66 19.26 14.82 -3.43
N GLY A 67 18.37 15.54 -2.78
CA GLY A 67 17.58 14.89 -1.73
C GLY A 67 16.79 13.69 -2.14
N ALA A 68 16.02 13.85 -3.22
CA ALA A 68 15.17 12.77 -3.65
C ALA A 68 16.02 11.52 -4.04
N GLU A 69 17.14 11.78 -4.71
CA GLU A 69 18.03 10.67 -5.16
C GLU A 69 18.64 9.95 -3.96
N GLN A 70 19.09 10.72 -2.97
CA GLN A 70 19.65 10.08 -1.78
C GLN A 70 18.60 9.35 -1.01
N LEU A 71 17.40 9.94 -0.95
CA LEU A 71 16.29 9.35 -0.21
C LEU A 71 15.90 8.01 -0.80
N VAL A 72 15.69 7.98 -2.06
CA VAL A 72 15.31 6.74 -2.68
C VAL A 72 16.38 5.64 -2.59
N GLU A 73 17.66 6.06 -2.63
CA GLU A 73 18.75 5.15 -2.51
C GLU A 73 18.78 4.46 -1.12
N ILE A 74 18.72 5.25 -0.07
CA ILE A 74 18.80 4.69 1.29
C ILE A 74 17.54 3.95 1.64
N LEU A 75 16.38 4.43 1.18
CA LEU A 75 15.14 3.73 1.43
CA LEU A 75 15.12 3.71 1.44
C LEU A 75 15.13 2.35 0.75
N ASN A 76 15.46 2.32 -0.54
CA ASN A 76 15.48 1.03 -1.24
C ASN A 76 16.52 0.07 -0.77
N TYR A 77 17.61 0.60 -0.24
CA TYR A 77 18.61 -0.24 0.32
C TYR A 77 18.03 -1.02 1.50
N HIS A 78 17.37 -0.33 2.42
CA HIS A 78 16.77 -1.05 3.54
C HIS A 78 15.52 -1.87 3.18
N ILE A 79 14.64 -1.30 2.39
CA ILE A 79 13.44 -2.00 2.03
C ILE A 79 13.73 -3.22 1.18
N SER A 80 14.73 -3.13 0.31
CA SER A 80 15.14 -4.32 -0.47
C SER A 80 15.46 -5.48 0.39
N ALA A 81 16.13 -5.22 1.51
CA ALA A 81 16.48 -6.28 2.39
C ALA A 81 15.27 -6.98 3.04
N ILE A 82 14.24 -6.21 3.38
CA ILE A 82 13.04 -6.74 3.89
C ILE A 82 12.32 -7.55 2.84
N VAL A 83 12.21 -6.99 1.65
CA VAL A 83 11.60 -7.65 0.55
C VAL A 83 12.26 -9.02 0.27
N GLU A 84 13.59 -9.10 0.19
CA GLU A 84 14.22 -10.39 0.02
C GLU A 84 13.89 -11.40 1.08
N LYS A 85 13.83 -11.00 2.32
CA LYS A 85 13.43 -11.91 3.38
C LYS A 85 12.05 -12.43 3.22
N VAL A 86 11.11 -11.54 2.87
CA VAL A 86 9.78 -11.95 2.59
C VAL A 86 9.74 -13.02 1.48
N LEU A 87 10.35 -12.70 0.35
CA LEU A 87 10.32 -13.56 -0.80
C LEU A 87 10.97 -14.95 -0.63
N ILE A 88 12.14 -14.97 0.03
CA ILE A 88 12.83 -16.20 0.42
C ILE A 88 12.04 -17.07 1.37
N PHE A 89 11.30 -16.45 2.30
CA PHE A 89 10.43 -17.20 3.21
C PHE A 89 9.11 -17.56 2.53
N GLY A 90 8.99 -17.25 1.23
CA GLY A 90 7.81 -17.68 0.40
C GLY A 90 6.56 -16.78 0.36
N GLY A 91 6.65 -15.53 0.81
CA GLY A 91 5.54 -14.62 0.81
C GLY A 91 5.41 -13.89 -0.50
N ASP A 92 4.26 -13.27 -0.71
CA ASP A 92 3.96 -12.44 -1.88
C ASP A 92 3.78 -11.04 -1.34
N ILE A 93 4.58 -10.08 -1.78
CA ILE A 93 4.36 -8.69 -1.31
C ILE A 93 3.19 -8.14 -2.10
N LEU A 94 2.12 -7.82 -1.40
CA LEU A 94 0.90 -7.36 -2.05
C LEU A 94 0.98 -5.91 -2.43
N LYS A 95 1.48 -5.09 -1.52
CA LYS A 95 1.43 -3.65 -1.68
C LYS A 95 2.43 -2.95 -0.81
N PHE A 96 2.94 -1.82 -1.32
CA PHE A 96 3.75 -0.88 -0.58
C PHE A 96 2.97 0.45 -0.43
N ALA A 97 3.11 1.02 0.75
CA ALA A 97 2.67 2.40 1.07
C ALA A 97 3.85 3.15 1.74
N GLY A 98 3.74 4.48 1.90
CA GLY A 98 4.68 5.27 2.75
C GLY A 98 4.53 5.20 4.29
N ASP A 99 4.11 4.03 4.74
CA ASP A 99 4.17 3.67 6.13
C ASP A 99 4.42 2.14 6.26
N ALA A 100 4.03 1.31 5.26
CA ALA A 100 4.01 -0.12 5.35
C ALA A 100 4.20 -0.98 4.04
N LEU A 101 4.48 -2.25 4.27
CA LEU A 101 4.33 -3.18 3.22
C LEU A 101 3.48 -4.27 3.79
N LEU A 102 2.65 -4.81 2.93
CA LEU A 102 1.77 -5.84 3.28
C LEU A 102 2.15 -7.05 2.45
N ALA A 103 2.28 -8.19 3.12
CA ALA A 103 2.68 -9.46 2.48
C ALA A 103 1.71 -10.58 2.87
N LEU A 104 1.51 -11.49 1.94
CA LEU A 104 0.55 -12.56 2.03
C LEU A 104 1.22 -13.92 1.79
N TRP A 105 0.89 -14.87 2.64
CA TRP A 105 1.13 -16.29 2.33
C TRP A 105 -0.21 -16.95 2.23
N ARG A 106 -0.60 -17.22 1.01
CA ARG A 106 -1.88 -17.81 0.77
C ARG A 106 -1.76 -19.32 0.83
N VAL A 107 -2.59 -19.96 1.62
CA VAL A 107 -2.57 -21.44 1.68
C VAL A 107 -3.93 -21.97 1.97
N GLU A 108 -4.09 -23.27 1.69
CA GLU A 108 -5.30 -23.95 2.11
C GLU A 108 -5.31 -23.90 3.62
N ARG A 109 -6.53 -23.97 4.15
CA ARG A 109 -6.82 -23.75 5.56
C ARG A 109 -6.07 -24.65 6.56
N LYS A 110 -5.93 -25.91 6.19
CA LYS A 110 -5.23 -26.91 6.96
C LYS A 110 -3.77 -26.61 7.17
N GLN A 111 -3.17 -25.78 6.32
CA GLN A 111 -1.75 -25.45 6.47
C GLN A 111 -1.52 -24.14 7.22
N LEU A 112 -2.58 -23.47 7.65
CA LEU A 112 -2.37 -22.17 8.26
C LEU A 112 -1.48 -22.30 9.48
N LYS A 113 -1.71 -23.29 10.30
CA LYS A 113 -0.90 -23.46 11.49
C LYS A 113 0.62 -23.48 11.22
N ASN A 114 1.10 -24.34 10.35
CA ASN A 114 2.55 -24.38 10.02
C ASN A 114 3.07 -23.15 9.29
N ILE A 115 2.25 -22.56 8.43
CA ILE A 115 2.66 -21.35 7.74
C ILE A 115 2.85 -20.18 8.68
N ILE A 116 2.03 -20.09 9.72
CA ILE A 116 2.22 -19.06 10.72
C ILE A 116 3.60 -19.15 11.36
N THR A 117 4.08 -20.36 11.57
CA THR A 117 5.41 -20.57 12.15
C THR A 117 6.50 -20.04 11.21
N VAL A 118 6.29 -20.24 9.92
CA VAL A 118 7.20 -19.75 8.90
C VAL A 118 7.21 -18.22 8.93
N VAL A 119 6.03 -17.64 9.01
CA VAL A 119 5.94 -16.16 8.98
C VAL A 119 6.51 -15.55 10.25
N ILE A 120 6.29 -16.20 11.39
CA ILE A 120 6.91 -15.76 12.62
C ILE A 120 8.45 -15.71 12.50
N LYS A 121 9.02 -16.80 12.02
CA LYS A 121 10.46 -16.83 11.82
C LYS A 121 10.97 -15.74 10.87
N CYS A 122 10.26 -15.58 9.73
CA CYS A 122 10.54 -14.48 8.83
C CYS A 122 10.53 -13.10 9.57
N SER A 123 9.50 -12.87 10.36
CA SER A 123 9.33 -11.64 11.11
C SER A 123 10.54 -11.36 11.99
N LEU A 124 10.93 -12.39 12.73
CA LEU A 124 12.08 -12.29 13.58
C LEU A 124 13.36 -12.09 12.82
N GLU A 125 13.50 -12.71 11.66
CA GLU A 125 14.67 -12.36 10.85
C GLU A 125 14.67 -10.96 10.28
N ILE A 126 13.51 -10.44 9.96
CA ILE A 126 13.41 -9.03 9.52
C ILE A 126 13.84 -8.08 10.64
N HIS A 127 13.32 -8.30 11.85
CA HIS A 127 13.78 -7.51 13.03
C HIS A 127 15.29 -7.61 13.18
N GLY A 128 15.86 -8.78 12.95
CA GLY A 128 17.31 -9.00 13.03
C GLY A 128 18.14 -8.16 12.04
N LEU A 129 17.57 -7.78 10.90
CA LEU A 129 18.29 -6.95 9.98
C LEU A 129 18.65 -5.59 10.58
N PHE A 130 17.84 -5.11 11.52
CA PHE A 130 17.92 -3.72 11.95
C PHE A 130 18.29 -3.58 13.41
N GLU A 131 18.69 -4.69 14.03
CA GLU A 131 18.97 -4.71 15.45
C GLU A 131 19.90 -3.59 15.86
N THR A 132 21.14 -3.66 15.41
CA THR A 132 22.13 -2.67 15.86
C THR A 132 21.92 -1.29 15.21
N GLN A 133 21.71 -1.27 13.89
CA GLN A 133 21.63 -0.03 13.15
C GLN A 133 20.56 -0.13 12.08
N ILE A 141 15.89 3.85 13.13
CA ILE A 141 15.15 3.12 12.11
C ILE A 141 14.99 1.62 12.50
N ARG A 142 13.78 1.29 12.91
CA ARG A 142 13.36 -0.07 13.15
C ARG A 142 11.95 -0.26 12.61
N VAL A 143 11.42 -1.49 12.72
CA VAL A 143 10.09 -1.75 12.24
C VAL A 143 9.25 -2.39 13.29
N LYS A 144 7.96 -2.39 13.02
CA LYS A 144 6.94 -3.04 13.85
C LYS A 144 6.21 -3.97 12.92
N ILE A 145 5.85 -5.13 13.42
CA ILE A 145 5.19 -6.15 12.57
C ILE A 145 3.94 -6.65 13.23
N GLY A 146 2.86 -6.65 12.45
CA GLY A 146 1.63 -7.29 12.89
C GLY A 146 1.37 -8.44 11.96
N LEU A 147 0.92 -9.55 12.54
CA LEU A 147 0.53 -10.74 11.81
C LEU A 147 -0.94 -11.09 12.04
N ALA A 148 -1.62 -11.58 11.02
CA ALA A 148 -2.94 -12.13 11.18
C ALA A 148 -3.15 -13.32 10.29
N ALA A 149 -4.17 -14.10 10.55
CA ALA A 149 -4.46 -15.27 9.73
C ALA A 149 -5.94 -15.48 9.66
N GLY A 150 -6.41 -15.96 8.53
CA GLY A 150 -7.79 -16.39 8.40
C GLY A 150 -8.31 -16.13 7.01
N HIS A 151 -9.58 -15.80 6.96
CA HIS A 151 -10.29 -15.66 5.74
C HIS A 151 -9.92 -14.31 5.08
N ILE A 152 -9.72 -14.31 3.78
CA ILE A 152 -9.32 -13.07 3.07
C ILE A 152 -10.14 -13.03 1.82
N SER A 153 -10.64 -11.84 1.49
CA SER A 153 -11.34 -11.60 0.24
C SER A 153 -10.51 -10.65 -0.57
N MET A 154 -10.45 -10.85 -1.88
CA MET A 154 -9.78 -9.97 -2.82
CA MET A 154 -9.81 -9.93 -2.76
C MET A 154 -10.82 -9.28 -3.69
N LEU A 155 -10.62 -8.00 -3.95
CA LEU A 155 -11.54 -7.28 -4.81
CA LEU A 155 -11.52 -7.22 -4.76
C LEU A 155 -10.70 -6.65 -5.89
N VAL A 156 -11.16 -6.79 -7.14
CA VAL A 156 -10.54 -6.12 -8.29
C VAL A 156 -11.59 -5.24 -8.93
N PHE A 157 -11.28 -3.97 -9.07
CA PHE A 157 -12.23 -3.03 -9.62
C PHE A 157 -11.53 -2.15 -10.62
N GLY A 158 -12.29 -1.49 -11.47
CA GLY A 158 -11.69 -0.71 -12.52
C GLY A 158 -12.51 -0.62 -13.76
N ASP A 159 -11.91 -0.05 -14.77
CA ASP A 159 -12.62 0.11 -16.03
C ASP A 159 -11.86 -0.58 -17.14
N GLU A 160 -12.07 -0.16 -18.39
CA GLU A 160 -11.48 -0.85 -19.52
C GLU A 160 -9.98 -0.61 -19.65
N THR A 161 -9.45 0.40 -19.00
CA THR A 161 -8.06 0.70 -19.13
C THR A 161 -7.29 0.69 -17.80
N HIS A 162 -7.95 0.70 -16.64
CA HIS A 162 -7.25 0.66 -15.37
C HIS A 162 -7.85 -0.36 -14.46
N SER A 163 -7.02 -0.98 -13.68
CA SER A 163 -7.44 -1.92 -12.64
C SER A 163 -6.79 -1.61 -11.30
N HIS A 164 -7.46 -2.00 -10.22
CA HIS A 164 -6.90 -1.77 -8.89
C HIS A 164 -7.40 -2.97 -8.11
N PHE A 165 -6.65 -3.42 -7.09
CA PHE A 165 -7.17 -4.47 -6.25
C PHE A 165 -6.96 -4.12 -4.78
N LEU A 166 -7.66 -4.85 -3.93
CA LEU A 166 -7.64 -4.69 -2.51
C LEU A 166 -7.88 -6.01 -1.90
N VAL A 167 -7.26 -6.24 -0.72
CA VAL A 167 -7.70 -7.37 0.10
C VAL A 167 -8.49 -6.78 1.26
N ILE A 168 -9.50 -7.52 1.65
CA ILE A 168 -10.39 -7.09 2.70
C ILE A 168 -10.80 -8.27 3.58
N GLY A 169 -11.43 -7.96 4.70
CA GLY A 169 -11.95 -9.00 5.60
C GLY A 169 -11.33 -8.92 7.00
N GLN A 170 -11.63 -9.89 7.87
CA GLN A 170 -11.28 -9.72 9.30
C GLN A 170 -9.77 -9.94 9.49
N ALA A 171 -9.17 -10.81 8.70
CA ALA A 171 -7.70 -11.00 8.77
C ALA A 171 -7.00 -9.69 8.38
N VAL A 172 -7.54 -8.98 7.40
CA VAL A 172 -7.00 -7.67 7.04
C VAL A 172 -7.22 -6.59 8.16
N ASP A 173 -8.41 -6.51 8.72
CA ASP A 173 -8.66 -5.55 9.85
C ASP A 173 -7.73 -5.99 10.98
N ASP A 174 -7.69 -7.31 11.22
CA ASP A 174 -6.82 -7.84 12.28
C ASP A 174 -5.37 -7.45 12.17
N VAL A 175 -4.82 -7.45 10.95
CA VAL A 175 -3.39 -7.22 10.82
C VAL A 175 -3.12 -5.76 11.02
N ARG A 176 -4.08 -4.89 10.70
CA ARG A 176 -3.84 -3.48 10.99
C ARG A 176 -3.95 -3.22 12.49
N LEU A 177 -4.87 -3.90 13.15
CA LEU A 177 -5.03 -3.70 14.59
C LEU A 177 -3.79 -4.22 15.35
N ALA A 178 -3.33 -5.42 14.96
CA ALA A 178 -2.08 -6.00 15.43
C ALA A 178 -0.94 -5.03 15.28
N GLN A 179 -0.85 -4.44 14.12
CA GLN A 179 0.27 -3.59 13.83
C GLN A 179 0.19 -2.26 14.63
N ASN A 180 -1.00 -1.71 14.85
CA ASN A 180 -1.16 -0.50 15.65
C ASN A 180 -0.82 -0.67 17.12
N MET A 181 -1.09 -1.85 17.67
CA MET A 181 -0.60 -2.20 19.01
C MET A 181 0.91 -2.30 19.16
N ALA A 182 1.62 -2.65 18.10
CA ALA A 182 3.01 -3.01 18.24
C ALA A 182 3.90 -1.82 18.67
N GLN A 183 4.89 -2.09 19.53
CA GLN A 183 6.01 -1.15 19.74
C GLN A 183 7.04 -1.44 18.70
N MET A 184 8.06 -0.58 18.63
CA MET A 184 9.19 -0.85 17.77
C MET A 184 9.79 -2.17 18.19
N ASN A 185 10.08 -3.01 17.20
CA ASN A 185 10.69 -4.32 17.40
C ASN A 185 9.70 -5.44 17.81
N ASP A 186 8.44 -5.13 18.01
CA ASP A 186 7.49 -6.20 18.34
C ASP A 186 7.03 -6.96 17.11
N VAL A 187 6.73 -8.22 17.33
CA VAL A 187 5.88 -8.98 16.50
C VAL A 187 4.62 -9.29 17.29
N ILE A 188 3.51 -8.78 16.77
CA ILE A 188 2.21 -8.97 17.39
C ILE A 188 1.31 -9.85 16.52
N LEU A 189 0.70 -10.87 17.12
CA LEU A 189 -0.28 -11.74 16.43
C LEU A 189 -1.68 -11.37 16.76
N SER A 190 -2.58 -11.39 15.78
CA SER A 190 -4.02 -11.17 16.03
C SER A 190 -4.62 -12.28 16.89
N PRO A 191 -5.71 -11.97 17.62
CA PRO A 191 -6.31 -13.08 18.37
C PRO A 191 -6.47 -14.37 17.54
N ASN A 192 -7.04 -14.28 16.35
CA ASN A 192 -7.26 -15.51 15.57
C ASN A 192 -5.97 -16.18 15.13
N CYS A 193 -4.98 -15.39 14.70
CA CYS A 193 -3.65 -15.92 14.47
C CYS A 193 -3.15 -16.67 15.68
N TRP A 194 -3.27 -16.08 16.86
CA TRP A 194 -2.91 -16.77 18.12
C TRP A 194 -3.69 -18.07 18.30
N GLN A 195 -5.00 -18.03 18.06
CA GLN A 195 -5.90 -19.21 18.21
C GLN A 195 -5.47 -20.35 17.27
N LEU A 196 -5.14 -20.00 16.03
CA LEU A 196 -4.72 -20.94 14.97
C LEU A 196 -3.26 -21.35 14.99
N CYS A 197 -2.39 -20.64 15.73
CA CYS A 197 -0.95 -20.89 15.58
C CYS A 197 -0.51 -22.13 16.37
N ASP A 198 0.75 -22.53 16.19
CA ASP A 198 1.37 -23.66 16.90
C ASP A 198 2.01 -23.19 18.21
N ARG A 199 1.21 -23.24 19.27
CA ARG A 199 1.59 -22.75 20.60
C ARG A 199 2.86 -23.39 21.21
N SER A 200 3.20 -24.60 20.77
CA SER A 200 4.39 -25.31 21.29
C SER A 200 5.66 -24.68 20.78
N MET A 201 5.55 -23.97 19.67
CA MET A 201 6.70 -23.32 19.06
C MET A 201 7.10 -22.00 19.72
N ILE A 202 6.14 -21.27 20.25
CA ILE A 202 6.38 -19.85 20.45
C ILE A 202 6.00 -19.46 21.84
N GLU A 203 6.77 -18.55 22.44
CA GLU A 203 6.40 -18.05 23.75
C GLU A 203 5.98 -16.61 23.61
N ILE A 204 4.82 -16.30 24.18
CA ILE A 204 4.21 -15.01 24.04
C ILE A 204 3.96 -14.34 25.37
N GLU A 205 3.48 -13.11 25.30
CA GLU A 205 2.87 -12.47 26.48
C GLU A 205 1.61 -11.71 26.07
N SER A 206 0.75 -11.62 27.08
CA SER A 206 -0.47 -10.84 27.04
C SER A 206 -0.15 -9.40 26.63
N VAL A 207 -1.14 -8.75 26.01
CA VAL A 207 -1.09 -7.32 25.71
C VAL A 207 -2.33 -6.71 26.37
N PRO A 208 -2.15 -5.64 27.16
CA PRO A 208 -3.27 -5.18 28.01
C PRO A 208 -4.53 -4.75 27.22
N ASP A 209 -5.71 -5.05 27.77
CA ASP A 209 -7.03 -4.87 27.11
C ASP A 209 -6.95 -5.28 25.67
N GLN A 210 -6.34 -6.44 25.43
CA GLN A 210 -6.14 -6.92 24.08
C GLN A 210 -6.08 -8.42 24.09
N ARG A 211 -6.85 -9.01 23.19
CA ARG A 211 -6.83 -10.44 23.03
C ARG A 211 -5.74 -10.83 22.03
N ALA A 212 -5.15 -9.83 21.34
CA ALA A 212 -3.93 -10.04 20.54
C ALA A 212 -2.79 -10.44 21.47
N VAL A 213 -1.70 -10.96 20.91
CA VAL A 213 -0.52 -11.32 21.72
C VAL A 213 0.77 -10.87 21.11
N LYS A 214 1.78 -10.78 21.96
CA LYS A 214 3.12 -10.46 21.52
C LYS A 214 3.99 -11.70 21.60
N VAL A 215 4.80 -11.92 20.56
CA VAL A 215 5.77 -13.00 20.51
C VAL A 215 7.09 -12.63 21.16
N ASN A 216 7.47 -13.34 22.22
CA ASN A 216 8.73 -13.05 22.90
C ASN A 216 9.79 -13.87 22.25
N PHE A 217 9.48 -15.16 22.04
CA PHE A 217 10.48 -16.07 21.49
C PHE A 217 9.83 -17.16 20.61
N LEU A 218 10.56 -17.54 19.58
CA LEU A 218 10.35 -18.79 18.86
C LEU A 218 11.33 -19.80 19.43
N LYS A 219 10.82 -20.76 20.19
CA LYS A 219 11.62 -21.83 20.76
C LYS A 219 11.04 -23.20 20.36
N PRO A 220 11.49 -23.72 19.22
CA PRO A 220 10.85 -24.98 18.81
C PRO A 220 11.35 -26.16 19.65
N PRO A 221 10.68 -27.31 19.53
CA PRO A 221 11.13 -28.52 20.19
C PRO A 221 12.55 -29.02 19.82
N PRO A 222 13.14 -29.88 20.67
CA PRO A 222 14.39 -30.62 20.52
C PRO A 222 14.79 -31.10 19.14
N ASN A 223 13.89 -31.81 18.49
CA ASN A 223 14.16 -32.45 17.21
C ASN A 223 13.73 -31.58 16.01
N PHE A 224 13.36 -30.34 16.28
CA PHE A 224 12.81 -29.50 15.21
C PHE A 224 13.93 -28.91 14.40
N ASN A 225 13.77 -28.95 13.07
CA ASN A 225 14.75 -28.50 12.10
C ASN A 225 14.06 -27.55 11.10
N PHE A 226 14.31 -26.26 11.22
CA PHE A 226 13.52 -25.31 10.51
C PHE A 226 13.66 -25.50 8.99
N ASP A 227 14.84 -25.89 8.53
CA ASP A 227 15.08 -26.07 7.09
C ASP A 227 14.23 -27.19 6.55
N GLU A 228 14.15 -28.31 7.28
CA GLU A 228 13.33 -29.40 6.86
C GLU A 228 11.86 -29.04 6.98
N PHE A 229 11.48 -28.32 8.03
CA PHE A 229 10.12 -27.87 8.21
C PHE A 229 9.70 -26.92 7.04
N PHE A 230 10.58 -26.00 6.72
CA PHE A 230 10.34 -25.09 5.59
C PHE A 230 10.15 -25.87 4.28
N THR A 231 11.01 -26.83 4.01
CA THR A 231 10.90 -27.59 2.79
C THR A 231 9.51 -28.27 2.74
N LYS A 232 9.09 -28.82 3.84
CA LYS A 232 7.74 -29.39 3.87
C LYS A 232 6.70 -28.37 3.52
N CYS A 233 6.83 -27.20 4.14
CA CYS A 233 5.92 -26.13 3.84
C CYS A 233 5.87 -25.69 2.36
N THR A 234 6.97 -25.81 1.65
CA THR A 234 7.00 -25.37 0.24
C THR A 234 6.14 -26.21 -0.68
N THR A 235 5.77 -27.39 -0.20
CA THR A 235 4.82 -28.26 -0.95
C THR A 235 3.55 -27.52 -1.20
N PHE A 236 3.19 -26.65 -0.26
CA PHE A 236 1.99 -25.90 -0.38
C PHE A 236 2.15 -24.51 -1.00
N MET A 237 3.33 -24.15 -1.47
CA MET A 237 3.56 -22.79 -2.04
C MET A 237 3.69 -22.90 -3.53
N HIS A 238 2.65 -22.47 -4.23
CA HIS A 238 2.50 -22.72 -5.66
C HIS A 238 3.64 -22.16 -6.46
N TYR A 239 4.11 -20.95 -6.10
CA TYR A 239 5.11 -20.26 -6.94
C TYR A 239 6.49 -20.09 -6.37
N TYR A 240 6.85 -20.88 -5.36
CA TYR A 240 8.14 -20.82 -4.80
C TYR A 240 9.21 -21.20 -5.80
N PRO A 241 10.20 -20.32 -6.07
CA PRO A 241 11.12 -20.67 -7.12
C PRO A 241 11.84 -21.97 -6.80
N SER A 242 11.97 -22.87 -7.78
CA SER A 242 12.56 -24.20 -7.48
C SER A 242 13.19 -24.80 -8.70
N GLY A 243 13.94 -25.88 -8.49
CA GLY A 243 14.54 -26.58 -9.64
C GLY A 243 15.55 -25.74 -10.35
N GLU A 244 15.43 -25.67 -11.65
CA GLU A 244 16.28 -24.85 -12.45
C GLU A 244 16.14 -23.35 -12.04
N HIS A 245 15.04 -22.94 -11.41
CA HIS A 245 14.81 -21.52 -11.04
C HIS A 245 14.99 -21.23 -9.56
N LYS A 246 15.67 -22.12 -8.85
CA LYS A 246 15.80 -21.97 -7.42
C LYS A 246 16.77 -20.81 -7.10
N ASN A 247 17.51 -20.34 -8.08
CA ASN A 247 18.35 -19.16 -7.86
C ASN A 247 17.63 -17.75 -7.96
N LEU A 248 16.32 -17.75 -8.13
CA LEU A 248 15.59 -16.54 -8.46
C LEU A 248 14.79 -16.20 -7.26
N LEU A 249 14.58 -14.92 -7.05
CA LEU A 249 13.70 -14.44 -5.96
C LEU A 249 12.23 -14.61 -6.28
N ARG A 250 11.88 -14.52 -7.55
CA ARG A 250 10.49 -14.67 -7.99
C ARG A 250 10.43 -15.42 -9.31
N LEU A 251 9.41 -16.23 -9.41
CA LEU A 251 9.10 -16.93 -10.64
C LEU A 251 8.70 -15.93 -11.67
N ALA A 252 8.13 -14.79 -11.26
CA ALA A 252 7.72 -13.75 -12.20
C ALA A 252 8.85 -13.22 -13.07
N THR A 254 10.62 -15.02 -14.71
CA THR A 254 10.72 -15.88 -15.85
C THR A 254 9.59 -15.68 -16.80
N LEU A 255 8.69 -14.76 -16.54
CA LEU A 255 7.56 -14.58 -17.44
C LEU A 255 7.97 -14.34 -18.89
N LYS A 256 7.26 -14.93 -19.82
CA LYS A 256 7.62 -14.72 -21.23
C LYS A 256 6.57 -13.83 -21.91
N PRO A 257 6.96 -13.11 -22.97
CA PRO A 257 6.00 -12.27 -23.69
C PRO A 257 4.69 -12.99 -24.03
N ASP A 258 3.59 -12.28 -23.86
CA ASP A 258 2.27 -12.81 -23.90
C ASP A 258 1.36 -11.61 -23.95
N PRO A 259 0.94 -11.24 -25.15
CA PRO A 259 0.23 -9.96 -25.28
C PRO A 259 -1.07 -9.83 -24.49
N GLU A 260 -1.83 -10.90 -24.41
CA GLU A 260 -3.06 -10.92 -23.66
CA GLU A 260 -3.05 -10.95 -23.66
C GLU A 260 -2.78 -10.72 -22.15
N LEU A 261 -1.79 -11.40 -21.61
CA LEU A 261 -1.39 -11.22 -20.21
C LEU A 261 -0.88 -9.79 -19.97
N GLU A 262 0.00 -9.32 -20.83
CA GLU A 262 0.55 -7.99 -20.68
C GLU A 262 -0.52 -6.92 -20.77
N MET A 263 -1.49 -7.09 -21.65
CA MET A 263 -2.64 -6.11 -21.67
CA MET A 263 -2.66 -6.13 -21.70
C MET A 263 -3.39 -6.05 -20.34
N SER A 264 -3.56 -7.18 -19.71
CA SER A 264 -4.23 -7.29 -18.41
CA SER A 264 -4.21 -7.27 -18.38
C SER A 264 -3.38 -6.63 -17.29
N LEU A 265 -2.08 -6.98 -17.27
CA LEU A 265 -1.20 -6.48 -16.19
C LEU A 265 -0.88 -5.01 -16.27
N GLN A 266 -0.82 -4.47 -17.47
CA GLN A 266 -0.41 -3.09 -17.59
C GLN A 266 -1.44 -2.12 -17.01
N LYS A 267 -2.69 -2.55 -16.95
CA LYS A 267 -3.79 -1.75 -16.49
C LYS A 267 -3.63 -1.41 -14.98
N TYR A 268 -2.75 -2.12 -14.27
CA TYR A 268 -2.55 -1.84 -12.85
C TYR A 268 -1.46 -0.80 -12.66
N VAL A 269 -0.75 -0.42 -13.72
CA VAL A 269 0.42 0.40 -13.60
C VAL A 269 0.24 1.76 -14.32
N MET A 270 0.70 2.81 -13.67
CA MET A 270 0.58 4.18 -14.14
CA MET A 270 0.59 4.19 -14.17
C MET A 270 1.31 4.34 -15.48
N GLU A 271 0.74 5.16 -16.33
CA GLU A 271 1.29 5.38 -17.65
C GLU A 271 2.77 5.90 -17.66
N SER A 272 3.14 6.77 -16.74
CA SER A 272 4.52 7.28 -16.72
C SER A 272 5.44 6.18 -16.28
N ILE A 273 4.97 5.19 -15.53
CA ILE A 273 5.84 4.08 -15.20
C ILE A 273 6.06 3.19 -16.45
N LEU A 274 4.97 2.94 -17.15
CA LEU A 274 5.05 2.17 -18.44
C LEU A 274 5.98 2.87 -19.40
N LYS A 275 5.94 4.18 -19.46
CA LYS A 275 6.86 4.91 -20.35
C LYS A 275 8.35 4.62 -20.03
N GLN A 276 8.66 4.52 -18.76
CA GLN A 276 10.06 4.18 -18.33
C GLN A 276 10.35 2.78 -18.67
N ILE A 277 9.39 1.90 -18.41
CA ILE A 277 9.52 0.46 -18.76
C ILE A 277 9.80 0.24 -20.25
N ASP A 278 9.15 1.07 -21.05
CA ASP A 278 9.36 1.00 -22.51
C ASP A 278 10.63 1.72 -23.00
N ASN A 279 11.48 2.15 -22.07
CA ASN A 279 12.69 2.90 -22.46
C ASN A 279 12.41 4.11 -23.31
N LYS A 280 11.34 4.79 -22.98
CA LYS A 280 10.94 6.07 -23.52
C LYS A 280 11.04 7.23 -22.57
N GLN A 281 11.59 7.01 -21.36
CA GLN A 281 11.78 8.06 -20.36
CA GLN A 281 11.94 8.13 -20.48
C GLN A 281 13.01 7.61 -19.56
N LEU A 282 13.84 8.52 -19.16
CA LEU A 282 15.02 8.21 -18.28
C LEU A 282 14.62 7.53 -17.01
N GLN A 283 15.41 6.53 -16.65
CA GLN A 283 15.07 5.60 -15.57
C GLN A 283 15.04 6.28 -14.25
N GLY A 284 15.48 7.56 -14.20
CA GLY A 284 15.56 8.35 -13.00
C GLY A 284 14.65 9.54 -12.86
N TYR A 285 13.81 9.75 -13.88
CA TYR A 285 12.94 10.88 -13.96
C TYR A 285 11.79 10.87 -12.92
N LEU A 286 11.34 9.71 -12.48
CA LEU A 286 10.24 9.66 -11.52
C LEU A 286 10.64 9.77 -10.03
N SER A 287 11.93 9.86 -9.71
CA SER A 287 12.33 10.04 -8.29
C SER A 287 12.44 11.53 -8.08
N GLU A 288 11.56 12.10 -7.28
CA GLU A 288 11.61 13.53 -7.11
C GLU A 288 10.94 13.99 -5.86
N LEU A 289 11.36 15.12 -5.38
CA LEU A 289 10.70 15.84 -4.31
C LEU A 289 9.94 16.90 -5.06
N ARG A 290 8.63 16.79 -5.12
CA ARG A 290 7.86 17.80 -5.83
C ARG A 290 6.59 18.21 -5.06
N PRO A 291 6.11 19.42 -5.37
CA PRO A 291 4.92 19.90 -4.69
C PRO A 291 3.72 19.30 -5.33
N VAL A 292 2.83 18.78 -4.53
CA VAL A 292 1.61 18.14 -5.02
C VAL A 292 0.48 18.50 -4.07
N THR A 293 -0.75 18.25 -4.51
CA THR A 293 -1.91 18.24 -3.64
C THR A 293 -2.42 16.79 -3.49
N ILE A 294 -2.41 16.26 -2.25
CA ILE A 294 -2.98 15.01 -1.88
C ILE A 294 -4.46 15.22 -1.59
N VAL A 295 -5.28 14.40 -2.23
CA VAL A 295 -6.66 14.25 -1.93
C VAL A 295 -6.89 12.80 -1.47
N PHE A 296 -7.05 12.63 -0.16
CA PHE A 296 -7.16 11.36 0.45
C PHE A 296 -8.63 11.07 0.73
N VAL A 297 -9.23 10.16 -0.02
CA VAL A 297 -10.68 9.89 0.10
C VAL A 297 -10.93 8.62 0.87
N ASN A 298 -11.76 8.65 1.92
CA ASN A 298 -12.06 7.49 2.70
C ASN A 298 -13.54 7.16 2.64
N LEU A 299 -13.85 5.90 2.34
CA LEU A 299 -15.21 5.46 2.29
C LEU A 299 -15.49 4.42 3.37
N MET A 300 -16.50 4.64 4.20
CA MET A 300 -16.88 3.66 5.26
C MET A 300 -18.21 3.02 4.97
N PHE A 301 -18.32 1.74 5.36
CA PHE A 301 -19.48 0.90 5.01
C PHE A 301 -20.10 0.30 6.26
N GLU A 302 -21.39 0.01 6.23
CA GLU A 302 -22.02 -0.74 7.34
C GLU A 302 -21.12 -1.87 7.78
N ASP A 303 -20.72 -2.74 6.85
CA ASP A 303 -19.87 -3.87 7.18
C ASP A 303 -18.70 -3.96 6.19
N GLN A 304 -17.48 -3.73 6.67
CA GLN A 304 -16.34 -3.61 5.77
C GLN A 304 -15.66 -4.94 5.42
N ASP A 305 -16.22 -6.06 5.87
CA ASP A 305 -15.63 -7.37 5.56
C ASP A 305 -16.44 -8.12 4.53
N LYS A 306 -17.52 -7.52 4.02
CA LYS A 306 -18.48 -8.18 3.13
C LYS A 306 -18.26 -7.75 1.72
N ALA A 307 -17.39 -8.46 1.05
CA ALA A 307 -17.00 -8.07 -0.27
C ALA A 307 -18.19 -7.95 -1.23
N GLU A 308 -19.16 -8.84 -1.09
CA GLU A 308 -20.27 -8.85 -2.05
C GLU A 308 -21.11 -7.62 -1.84
N GLU A 309 -21.05 -7.10 -0.64
CA GLU A 309 -21.66 -5.84 -0.34
C GLU A 309 -20.82 -4.62 -0.72
N ILE A 310 -19.54 -4.62 -0.39
CA ILE A 310 -18.79 -3.41 -0.60
C ILE A 310 -18.18 -3.32 -1.99
N GLY A 311 -18.01 -4.44 -2.67
CA GLY A 311 -17.49 -4.44 -4.04
C GLY A 311 -18.18 -3.52 -5.05
N PRO A 312 -19.48 -3.70 -5.26
CA PRO A 312 -20.21 -2.79 -6.15
C PRO A 312 -20.04 -1.32 -5.82
N ALA A 313 -20.08 -1.05 -4.53
CA ALA A 313 -20.08 0.39 -4.06
C ALA A 313 -18.73 1.02 -4.39
N ILE A 314 -17.67 0.28 -4.13
CA ILE A 314 -16.32 0.72 -4.46
C ILE A 314 -16.15 0.89 -5.96
N GLN A 315 -16.68 -0.06 -6.73
CA GLN A 315 -16.62 0.06 -8.16
C GLN A 315 -17.35 1.32 -8.63
N ASP A 316 -18.55 1.56 -8.09
CA ASP A 316 -19.29 2.78 -8.44
C ASP A 316 -18.53 4.09 -8.11
N ALA A 317 -17.96 4.10 -6.91
CA ALA A 317 -17.13 5.22 -6.48
C ALA A 317 -15.94 5.40 -7.40
N TYR A 318 -15.27 4.30 -7.69
CA TYR A 318 -14.11 4.32 -8.58
C TYR A 318 -14.46 4.95 -9.96
N MET A 319 -15.59 4.56 -10.52
CA MET A 319 -15.95 5.04 -11.84
C MET A 319 -16.10 6.55 -11.81
N HIS A 320 -16.68 7.08 -10.75
CA HIS A 320 -16.84 8.48 -10.67
C HIS A 320 -15.55 9.18 -10.33
N ILE A 321 -14.80 8.63 -9.39
CA ILE A 321 -13.50 9.26 -9.00
C ILE A 321 -12.61 9.37 -10.22
N THR A 322 -12.51 8.30 -11.00
CA THR A 322 -11.60 8.35 -12.13
C THR A 322 -12.02 9.41 -13.16
N SER A 323 -13.30 9.55 -13.41
CA SER A 323 -13.77 10.56 -14.34
C SER A 323 -13.54 12.00 -13.87
N VAL A 324 -13.72 12.24 -12.58
CA VAL A 324 -13.38 13.53 -12.01
C VAL A 324 -11.85 13.82 -11.99
N LEU A 325 -11.01 12.85 -11.62
CA LEU A 325 -9.57 13.03 -11.65
C LEU A 325 -9.07 13.27 -13.07
N LYS A 326 -9.66 12.56 -14.05
CA LYS A 326 -9.23 12.63 -15.47
C LYS A 326 -9.25 14.06 -15.94
N ILE A 327 -10.30 14.74 -15.60
CA ILE A 327 -10.39 16.13 -15.97
C ILE A 327 -9.09 16.94 -15.63
N PHE A 328 -8.39 16.61 -14.53
CA PHE A 328 -7.19 17.37 -14.13
C PHE A 328 -5.92 16.58 -14.01
N GLN A 329 -5.82 15.50 -14.79
CA GLN A 329 -4.73 14.54 -14.66
C GLN A 329 -4.36 14.25 -13.20
N GLY A 330 -5.35 14.29 -12.31
CA GLY A 330 -5.16 13.75 -11.01
C GLY A 330 -5.04 12.29 -11.22
N GLN A 331 -4.47 11.58 -10.25
CA GLN A 331 -4.18 10.19 -10.36
C GLN A 331 -4.48 9.53 -9.05
N ILE A 332 -4.97 8.31 -9.13
CA ILE A 332 -5.06 7.47 -7.98
C ILE A 332 -3.74 6.80 -7.84
N ASN A 333 -3.02 7.05 -6.76
CA ASN A 333 -1.74 6.43 -6.51
C ASN A 333 -1.91 5.05 -5.91
N LYS A 334 -2.89 4.87 -5.05
CA LYS A 334 -3.10 3.64 -4.34
C LYS A 334 -4.48 3.62 -3.73
N VAL A 335 -4.94 2.41 -3.47
CA VAL A 335 -6.16 2.15 -2.76
C VAL A 335 -5.83 1.12 -1.73
N PHE A 336 -6.31 1.27 -0.54
CA PHE A 336 -6.13 0.29 0.50
C PHE A 336 -7.18 0.43 1.55
N MET A 337 -7.40 -0.63 2.32
CA MET A 337 -8.28 -0.57 3.46
C MET A 337 -7.53 0.07 4.61
N PHE A 338 -8.07 1.19 5.12
CA PHE A 338 -7.56 1.81 6.34
C PHE A 338 -8.22 1.12 7.52
N ASP A 339 -7.67 1.31 8.71
CA ASP A 339 -8.23 0.75 9.95
C ASP A 339 -9.76 0.74 9.88
N LYS A 340 -10.33 1.85 9.44
CA LYS A 340 -11.71 1.90 9.00
C LYS A 340 -11.74 2.33 7.52
N GLY A 341 -12.38 1.51 6.68
CA GLY A 341 -12.88 1.95 5.40
C GLY A 341 -11.93 1.77 4.24
N CYS A 342 -12.42 2.04 3.05
CA CYS A 342 -11.62 1.97 1.87
C CYS A 342 -11.07 3.35 1.46
N SER A 343 -9.77 3.45 1.29
CA SER A 343 -9.11 4.77 1.07
C SER A 343 -8.46 4.86 -0.31
N PHE A 344 -8.68 5.98 -0.97
CA PHE A 344 -8.10 6.32 -2.26
C PHE A 344 -7.13 7.40 -2.05
N LEU A 345 -5.85 7.15 -2.34
CA LEU A 345 -4.84 8.17 -2.22
C LEU A 345 -4.67 8.83 -3.60
N CYS A 346 -5.22 10.02 -3.78
CA CYS A 346 -5.24 10.69 -5.04
C CYS A 346 -4.27 11.84 -5.00
N VAL A 347 -3.63 12.10 -6.14
CA VAL A 347 -2.54 13.04 -6.23
C VAL A 347 -2.71 13.95 -7.43
N PHE A 348 -2.62 15.24 -7.19
CA PHE A 348 -2.59 16.27 -8.24
C PHE A 348 -1.20 16.86 -8.28
N GLY A 349 -0.59 16.87 -9.46
CA GLY A 349 0.83 17.22 -9.63
C GLY A 349 2.00 16.21 -9.87
N PHE A 350 1.89 14.86 -9.85
CA PHE A 350 3.18 14.06 -9.77
C PHE A 350 4.08 13.69 -11.06
N PRO A 351 3.84 12.57 -11.80
CA PRO A 351 4.75 12.40 -12.98
C PRO A 351 4.51 13.39 -14.14
N GLY A 352 5.16 14.56 -14.10
CA GLY A 352 4.94 15.58 -15.11
C GLY A 352 3.48 15.82 -15.48
N GLU A 353 2.58 15.76 -14.49
CA GLU A 353 1.12 15.95 -14.70
C GLU A 353 0.58 17.21 -13.97
N LYS A 354 1.38 18.28 -13.92
CA LYS A 354 1.15 19.38 -12.98
C LYS A 354 0.41 20.59 -13.56
N VAL A 355 -0.89 20.65 -13.25
CA VAL A 355 -1.79 21.71 -13.72
C VAL A 355 -1.55 23.07 -13.01
N PRO A 356 -1.93 24.19 -13.65
CA PRO A 356 -2.14 25.47 -12.94
C PRO A 356 -3.49 25.50 -12.17
N ASP A 357 -3.54 26.26 -11.06
CA ASP A 357 -4.69 26.26 -10.10
C ASP A 357 -4.92 24.94 -9.45
N GLU A 358 -3.83 24.20 -9.30
CA GLU A 358 -3.94 22.86 -8.76
C GLU A 358 -4.95 22.90 -7.58
N LEU A 359 -5.00 24.00 -6.82
CA LEU A 359 -5.60 24.01 -5.47
C LEU A 359 -7.09 24.17 -5.53
N THR A 360 -7.54 25.16 -6.27
CA THR A 360 -8.96 25.35 -6.43
C THR A 360 -9.61 24.11 -7.03
N HIS A 361 -8.94 23.50 -7.97
CA HIS A 361 -9.47 22.36 -8.64
C HIS A 361 -9.43 21.18 -7.74
N ALA A 362 -8.36 21.01 -6.97
CA ALA A 362 -8.32 19.90 -6.02
C ALA A 362 -9.54 19.97 -5.06
N LEU A 363 -9.83 21.15 -4.51
CA LEU A 363 -10.96 21.33 -3.66
C LEU A 363 -12.28 21.05 -4.35
N GLU A 364 -12.47 21.56 -5.58
CA GLU A 364 -13.70 21.28 -6.35
C GLU A 364 -13.83 19.84 -6.72
N CYS A 365 -12.74 19.20 -7.07
CA CYS A 365 -12.79 17.77 -7.32
CA CYS A 365 -12.77 17.76 -7.32
C CYS A 365 -13.15 17.01 -6.03
N ALA A 366 -12.53 17.37 -4.90
CA ALA A 366 -12.86 16.69 -3.64
C ALA A 366 -14.36 16.82 -3.34
N MET A 367 -14.90 18.03 -3.55
CA MET A 367 -16.34 18.23 -3.24
C MET A 367 -17.20 17.37 -4.15
N ASP A 368 -16.84 17.33 -5.43
CA ASP A 368 -17.58 16.54 -6.38
C ASP A 368 -17.54 15.08 -5.97
N ILE A 369 -16.36 14.56 -5.69
CA ILE A 369 -16.26 13.18 -5.18
C ILE A 369 -17.08 12.95 -3.94
N PHE A 370 -16.97 13.87 -2.99
CA PHE A 370 -17.75 13.78 -1.76
C PHE A 370 -19.25 13.71 -2.02
N ASP A 371 -19.74 14.58 -2.90
CA ASP A 371 -21.19 14.58 -3.20
C ASP A 371 -21.64 13.37 -3.89
N PHE A 372 -20.84 12.86 -4.82
CA PHE A 372 -21.27 11.65 -5.52
C PHE A 372 -21.23 10.43 -4.59
N CYS A 373 -20.11 10.23 -3.93
CA CYS A 373 -19.95 9.03 -3.13
C CYS A 373 -20.94 8.96 -1.97
N SER A 374 -21.36 10.12 -1.50
CA SER A 374 -22.31 10.19 -0.43
C SER A 374 -23.64 9.53 -0.81
N GLN A 375 -23.97 9.54 -2.09
CA GLN A 375 -25.22 8.97 -2.55
C GLN A 375 -25.07 7.55 -3.09
N VAL A 376 -23.92 6.89 -2.90
CA VAL A 376 -23.75 5.53 -3.39
C VAL A 376 -24.30 4.58 -2.32
N HIS A 377 -25.14 3.65 -2.77
CA HIS A 377 -25.83 2.77 -1.84
C HIS A 377 -24.81 1.94 -1.11
N LYS A 378 -24.87 1.97 0.22
CA LYS A 378 -24.02 1.14 1.05
C LYS A 378 -22.81 1.91 1.52
N ILE A 379 -22.54 3.06 0.92
CA ILE A 379 -21.51 3.93 1.48
C ILE A 379 -22.19 4.76 2.56
N GLN A 380 -21.76 4.51 3.80
CA GLN A 380 -22.28 5.10 5.01
C GLN A 380 -21.72 6.51 5.28
N THR A 381 -20.43 6.68 5.07
CA THR A 381 -19.73 7.95 5.32
C THR A 381 -18.55 8.16 4.37
N VAL A 382 -18.43 9.36 3.83
CA VAL A 382 -17.32 9.73 3.02
C VAL A 382 -16.58 10.84 3.76
N SER A 383 -15.24 10.76 3.72
CA SER A 383 -14.42 11.76 4.38
C SER A 383 -13.23 12.02 3.48
N ILE A 384 -12.90 13.28 3.31
CA ILE A 384 -11.80 13.62 2.41
C ILE A 384 -10.85 14.63 3.01
N GLY A 385 -9.58 14.28 3.08
CA GLY A 385 -8.50 15.22 3.54
C GLY A 385 -7.72 15.73 2.39
N VAL A 386 -7.45 17.03 2.38
CA VAL A 386 -6.73 17.68 1.29
C VAL A 386 -5.55 18.45 1.87
N ALA A 387 -4.37 18.12 1.40
CA ALA A 387 -3.12 18.74 1.93
C ALA A 387 -2.14 18.95 0.78
N SER A 388 -1.40 20.05 0.80
CA SER A 388 -0.49 20.40 -0.29
CA SER A 388 -0.49 20.39 -0.29
C SER A 388 0.87 20.76 0.26
N GLY A 389 1.89 20.22 -0.38
CA GLY A 389 3.29 20.52 -0.05
C GLY A 389 4.22 19.61 -0.86
N ILE A 390 5.47 19.61 -0.44
CA ILE A 390 6.52 18.87 -1.09
C ILE A 390 6.44 17.45 -0.56
N VAL A 391 6.34 16.53 -1.49
CA VAL A 391 6.33 15.12 -1.14
C VAL A 391 7.36 14.37 -2.00
N PHE A 392 7.85 13.26 -1.48
CA PHE A 392 8.70 12.36 -2.25
C PHE A 392 7.87 11.48 -3.10
N CYS A 393 8.26 11.35 -4.35
CA CYS A 393 7.60 10.49 -5.31
C CYS A 393 8.67 9.61 -5.90
N GLY A 394 8.42 8.28 -5.93
CA GLY A 394 9.40 7.41 -6.52
C GLY A 394 9.05 5.94 -6.46
N ILE A 395 9.80 5.18 -7.24
CA ILE A 395 9.73 3.72 -7.23
C ILE A 395 10.45 3.13 -6.04
N VAL A 396 9.68 2.58 -5.12
CA VAL A 396 10.19 2.04 -3.87
C VAL A 396 10.14 0.49 -3.80
N GLY A 397 11.22 -0.12 -3.39
CA GLY A 397 11.26 -1.58 -3.16
C GLY A 397 12.47 -2.19 -3.72
N HIS A 398 12.39 -3.46 -4.11
CA HIS A 398 13.49 -4.23 -4.65
C HIS A 398 13.42 -4.22 -6.19
N THR A 399 14.52 -4.45 -6.84
CA THR A 399 14.52 -4.61 -8.30
C THR A 399 13.40 -5.57 -8.75
N VAL A 400 13.15 -6.67 -8.03
CA VAL A 400 12.19 -7.68 -8.52
C VAL A 400 10.77 -7.40 -8.03
N ARG A 401 10.61 -6.48 -7.10
CA ARG A 401 9.32 -6.19 -6.56
C ARG A 401 9.30 -4.79 -5.93
N HIS A 402 8.64 -3.86 -6.60
CA HIS A 402 8.69 -2.45 -6.28
C HIS A 402 7.48 -1.75 -6.83
N GLU A 403 7.12 -0.63 -6.23
CA GLU A 403 5.95 0.13 -6.62
C GLU A 403 6.21 1.63 -6.57
N TYR A 404 5.47 2.36 -7.39
CA TYR A 404 5.55 3.82 -7.34
C TYR A 404 4.82 4.30 -6.07
N THR A 405 5.47 5.14 -5.29
CA THR A 405 4.94 5.48 -3.97
C THR A 405 5.12 6.99 -3.71
N VAL A 406 4.22 7.57 -2.90
CA VAL A 406 4.36 8.97 -2.49
CA VAL A 406 4.32 8.98 -2.51
C VAL A 406 4.44 8.96 -0.98
N ILE A 407 5.44 9.66 -0.45
CA ILE A 407 5.78 9.64 0.98
C ILE A 407 5.96 11.10 1.43
N GLY A 408 5.49 11.41 2.62
CA GLY A 408 5.67 12.77 3.15
C GLY A 408 4.66 13.15 4.24
N GLN A 409 5.08 14.12 5.04
CA GLN A 409 4.26 14.70 6.06
C GLN A 409 2.92 15.13 5.50
N LYS A 410 2.83 15.73 4.32
CA LYS A 410 1.50 16.08 3.83
C LYS A 410 0.64 14.89 3.49
N VAL A 411 1.27 13.78 3.06
CA VAL A 411 0.49 12.57 2.79
C VAL A 411 -0.08 12.06 4.10
N ASN A 412 0.73 11.97 5.15
CA ASN A 412 0.25 11.54 6.47
CA ASN A 412 0.24 11.52 6.45
C ASN A 412 -0.87 12.48 7.02
N LEU A 413 -0.70 13.77 6.79
CA LEU A 413 -1.65 14.75 7.30
C LEU A 413 -3.00 14.60 6.62
N ALA A 414 -3.01 14.49 5.29
CA ALA A 414 -4.26 14.23 4.61
C ALA A 414 -4.98 12.97 5.13
N ALA A 415 -4.20 11.88 5.35
CA ALA A 415 -4.70 10.62 5.94
C ALA A 415 -5.30 10.82 7.33
N ARG A 416 -4.59 11.53 8.21
CA ARG A 416 -5.10 11.76 9.55
C ARG A 416 -6.31 12.67 9.53
N MET A 417 -6.31 13.71 8.68
CA MET A 417 -7.50 14.59 8.54
C MET A 417 -8.79 13.83 8.22
N MET A 418 -8.73 12.93 7.27
CA MET A 418 -9.95 12.25 6.80
C MET A 418 -10.47 11.32 7.91
N MET A 419 -9.56 10.84 8.77
CA MET A 419 -9.99 10.03 9.91
C MET A 419 -10.40 10.85 11.11
N TYR A 420 -9.70 11.92 11.45
CA TYR A 420 -10.09 12.71 12.61
C TYR A 420 -11.24 13.68 12.34
N TYR A 421 -11.53 13.97 11.08
CA TYR A 421 -12.64 14.79 10.75
C TYR A 421 -13.55 14.06 9.78
N PRO A 422 -14.28 13.03 10.26
CA PRO A 422 -15.06 12.21 9.36
C PRO A 422 -16.25 12.95 8.78
N GLY A 423 -16.74 12.54 7.62
CA GLY A 423 -17.99 13.07 7.12
C GLY A 423 -17.91 14.36 6.41
N ILE A 424 -16.75 14.97 6.33
CA ILE A 424 -16.65 16.24 5.62
C ILE A 424 -15.37 16.29 4.72
N VAL A 425 -15.22 17.35 3.92
CA VAL A 425 -13.97 17.61 3.17
C VAL A 425 -13.15 18.62 3.96
N THR A 426 -11.92 18.27 4.36
CA THR A 426 -11.03 19.18 5.08
C THR A 426 -9.79 19.53 4.25
N CYS A 427 -9.21 20.69 4.52
CA CYS A 427 -7.95 21.04 3.93
C CYS A 427 -7.03 21.73 4.88
N ASP A 428 -5.74 21.71 4.52
CA ASP A 428 -4.71 22.33 5.33
C ASP A 428 -4.60 23.85 5.00
N SER A 429 -3.70 24.53 5.65
CA SER A 429 -3.52 25.96 5.42
CA SER A 429 -3.53 25.97 5.42
C SER A 429 -2.92 26.33 4.08
N VAL A 430 -1.98 25.50 3.58
CA VAL A 430 -1.40 25.79 2.26
C VAL A 430 -2.54 25.78 1.22
N THR A 431 -3.44 24.80 1.31
CA THR A 431 -4.53 24.72 0.34
C THR A 431 -5.49 25.87 0.50
N TYR A 432 -5.87 26.14 1.75
CA TYR A 432 -6.83 27.22 2.03
C TYR A 432 -6.32 28.59 1.48
N ASN A 433 -5.13 28.95 1.92
CA ASN A 433 -4.57 30.26 1.61
C ASN A 433 -4.23 30.36 0.13
N GLY A 434 -3.73 29.27 -0.40
CA GLY A 434 -3.29 29.25 -1.76
C GLY A 434 -4.46 29.32 -2.71
N SER A 435 -5.63 28.75 -2.35
CA SER A 435 -6.78 28.69 -3.31
C SER A 435 -7.18 30.13 -3.64
N ASN A 436 -6.94 31.02 -2.70
CA ASN A 436 -7.48 32.38 -2.62
C ASN A 436 -8.98 32.52 -2.88
N LEU A 437 -9.71 31.41 -2.68
CA LEU A 437 -11.16 31.44 -2.74
C LEU A 437 -11.65 32.27 -1.65
N PRO A 438 -12.88 32.80 -1.83
CA PRO A 438 -13.39 33.59 -0.76
C PRO A 438 -13.48 32.77 0.53
N ALA A 439 -13.21 33.44 1.63
CA ALA A 439 -13.07 32.80 2.90
C ALA A 439 -14.33 32.06 3.39
N TYR A 440 -15.50 32.57 3.05
CA TYR A 440 -16.77 31.90 3.39
C TYR A 440 -17.08 30.58 2.66
N PHE A 441 -16.26 30.24 1.68
CA PHE A 441 -16.29 28.86 1.17
C PHE A 441 -15.75 27.84 2.18
N PHE A 442 -15.15 28.32 3.28
CA PHE A 442 -14.56 27.45 4.29
C PHE A 442 -15.15 27.67 5.65
N LYS A 443 -14.91 26.69 6.52
CA LYS A 443 -15.16 26.81 7.96
C LYS A 443 -13.88 26.51 8.69
N GLU A 444 -13.44 27.38 9.57
CA GLU A 444 -12.20 27.16 10.32
C GLU A 444 -12.54 26.12 11.41
N LEU A 445 -11.73 25.07 11.53
CA LEU A 445 -12.00 23.93 12.43
C LEU A 445 -11.27 23.97 13.77
N PRO A 446 -11.88 23.35 14.80
CA PRO A 446 -11.16 23.14 16.05
C PRO A 446 -9.92 22.31 15.83
N LYS A 447 -8.85 22.63 16.54
CA LYS A 447 -7.60 21.88 16.42
C LYS A 447 -7.77 20.51 17.13
N LYS A 448 -7.32 19.42 16.56
CA LYS A 448 -7.33 18.11 17.21
C LYS A 448 -5.93 17.59 17.27
N VAL A 449 -5.59 16.84 18.30
CA VAL A 449 -4.27 16.23 18.36
C VAL A 449 -4.34 14.90 17.61
N MET A 450 -3.58 14.80 16.53
CA MET A 450 -3.74 13.69 15.60
C MET A 450 -2.51 12.79 15.58
N LYS A 451 -2.74 11.48 15.67
CA LYS A 451 -1.64 10.48 15.72
C LYS A 451 -0.61 10.65 14.62
N GLY A 452 0.62 10.97 15.03
CA GLY A 452 1.72 11.06 14.10
C GLY A 452 1.74 12.37 13.39
N VAL A 453 1.17 13.39 14.01
CA VAL A 453 1.11 14.74 13.46
C VAL A 453 1.47 15.75 14.54
N ALA A 454 2.48 16.57 14.31
CA ALA A 454 2.68 17.74 15.16
C ALA A 454 2.55 18.94 14.25
N ASP A 455 2.27 20.10 14.83
CA ASP A 455 2.30 21.35 14.11
C ASP A 455 1.61 21.28 12.76
N SER A 456 0.42 20.66 12.74
CA SER A 456 -0.53 21.02 11.69
C SER A 456 -0.75 22.49 12.02
N GLY A 457 -0.91 23.29 10.99
CA GLY A 457 -1.36 24.66 11.19
C GLY A 457 -2.87 24.54 11.27
N PRO A 458 -3.56 25.66 11.07
CA PRO A 458 -5.01 25.65 11.10
C PRO A 458 -5.54 24.73 9.99
N LEU A 459 -6.64 24.02 10.29
CA LEU A 459 -7.34 23.19 9.36
C LEU A 459 -8.70 23.78 9.08
N TYR A 460 -9.21 23.52 7.87
CA TYR A 460 -10.46 24.08 7.45
C TYR A 460 -11.33 23.00 6.90
N GLN A 461 -12.61 23.23 6.98
CA GLN A 461 -13.53 22.45 6.22
C GLN A 461 -13.82 23.19 4.95
N TYR A 462 -13.87 22.47 3.81
CA TYR A 462 -14.38 23.04 2.57
C TYR A 462 -15.92 22.92 2.58
N TRP A 463 -16.56 24.05 2.84
CA TRP A 463 -17.97 24.12 2.96
C TRP A 463 -18.55 24.11 1.57
N GLY A 464 -17.92 24.75 0.61
CA GLY A 464 -18.44 24.81 -0.75
C GLY A 464 -19.06 26.17 -1.05
N ARG A 465 -19.62 26.30 -2.26
CA ARG A 465 -19.99 27.62 -2.84
C ARG A 465 -21.24 28.22 -2.18
N THR A 466 -22.08 27.41 -1.57
CA THR A 466 -23.33 27.91 -1.07
C THR A 466 -23.48 27.61 0.40
N GLU A 467 -24.27 28.44 1.03
CA GLU A 467 -24.52 28.36 2.46
C GLU A 467 -25.26 27.06 2.69
N LYS A 468 -26.34 26.91 1.92
CA LYS A 468 -27.07 25.65 1.79
C LYS A 468 -26.42 24.88 0.62
#